data_3AJD
#
_entry.id   3AJD
#
_cell.length_a   40.128
_cell.length_b   40.108
_cell.length_c   90.559
_cell.angle_alpha   90.00
_cell.angle_beta   102.75
_cell.angle_gamma   90.00
#
_symmetry.space_group_name_H-M   'P 1 21 1'
#
loop_
_entity.id
_entity.type
_entity.pdbx_description
1 polymer 'Putative methyltransferase MJ0026'
2 non-polymer GLYCEROL
3 non-polymer 'ISOPROPYL ALCOHOL'
4 water water
#
_entity_poly.entity_id   1
_entity_poly.type   'polypeptide(L)'
_entity_poly.pdbx_seq_one_letter_code
;MMIVYKGEKMQFIRVNTLKINPEVLKKRLENKGVVLEKTFLDYAFEVKKSPFSIGSTPEYLFGYYMPQSISSMIPPIVLN
PREDDFILDMCAAPGGKTTHLAQLMKNKGTIVAVEISKTRTKALKSNINRMGVLNTIIINADMRKYKDYLLKNEIFFDKI
LLDAPCSGNIIKDKNRNVSEEDIKYCSLRQKELIDIGIDLLKKDGELVYSTCSMEVEENEEVIKYILQKRNDVELIIIKA
NEFKGINIKEGYIKGTLRVFPPNEPFFIAKLRKI
;
_entity_poly.pdbx_strand_id   A
#
loop_
_chem_comp.id
_chem_comp.type
_chem_comp.name
_chem_comp.formula
GOL non-polymer GLYCEROL 'C3 H8 O3'
IPA non-polymer 'ISOPROPYL ALCOHOL' 'C3 H8 O'
#
# COMPACT_ATOMS: atom_id res chain seq x y z
N LYS A 9 2.15 15.18 -13.69
CA LYS A 9 1.51 14.30 -12.66
C LYS A 9 0.76 15.10 -11.59
N MET A 10 -0.43 14.65 -11.21
CA MET A 10 -1.18 15.35 -10.17
C MET A 10 -0.50 15.03 -8.84
N GLN A 11 -0.41 16.04 -7.96
CA GLN A 11 0.21 15.85 -6.66
C GLN A 11 -0.86 15.79 -5.58
N PHE A 12 -0.76 14.78 -4.72
CA PHE A 12 -1.69 14.66 -3.60
C PHE A 12 -0.90 14.47 -2.31
N ILE A 13 -1.56 14.77 -1.20
CA ILE A 13 -1.00 14.46 0.09
C ILE A 13 -2.02 13.69 0.90
N ARG A 14 -1.53 12.74 1.69
CA ARG A 14 -2.36 11.99 2.64
C ARG A 14 -2.02 12.59 4.01
N VAL A 15 -3.01 13.16 4.69
CA VAL A 15 -2.76 13.74 6.03
C VAL A 15 -2.63 12.58 7.00
N ASN A 16 -1.63 12.66 7.87
CA ASN A 16 -1.36 11.61 8.81
C ASN A 16 -2.18 11.82 10.08
N THR A 17 -3.31 11.13 10.14
CA THR A 17 -4.19 11.32 11.30
C THR A 17 -3.64 10.71 12.58
N LEU A 18 -2.51 10.01 12.50
CA LEU A 18 -1.89 9.58 13.75
C LEU A 18 -1.36 10.82 14.47
N LYS A 19 -1.13 11.91 13.75
CA LYS A 19 -0.56 13.11 14.34
C LYS A 19 -1.37 14.38 14.25
N ILE A 20 -2.23 14.53 13.25
CA ILE A 20 -2.94 15.80 13.11
C ILE A 20 -4.27 15.63 12.39
N ASN A 21 -5.23 16.53 12.70
CA ASN A 21 -6.54 16.51 12.06
C ASN A 21 -6.38 17.06 10.65
N PRO A 22 -7.11 16.47 9.68
CA PRO A 22 -6.94 16.96 8.31
C PRO A 22 -7.27 18.42 8.03
N GLU A 23 -8.34 18.90 8.67
CA GLU A 23 -8.77 20.29 8.45
C GLU A 23 -7.77 21.23 9.10
N VAL A 24 -7.19 20.82 10.22
CA VAL A 24 -6.18 21.65 10.89
C VAL A 24 -4.94 21.72 9.98
N LEU A 25 -4.49 20.59 9.43
CA LEU A 25 -3.32 20.64 8.55
C LEU A 25 -3.64 21.46 7.30
N LYS A 26 -4.82 21.26 6.74
CA LYS A 26 -5.21 21.97 5.51
C LYS A 26 -5.06 23.48 5.71
N LYS A 27 -5.59 23.98 6.82
CA LYS A 27 -5.54 25.41 7.07
C LYS A 27 -4.10 25.89 7.26
N ARG A 28 -3.31 25.12 7.98
CA ARG A 28 -1.95 25.48 8.23
C ARG A 28 -1.20 25.63 6.90
N LEU A 29 -1.43 24.72 5.97
CA LEU A 29 -0.75 24.86 4.66
C LEU A 29 -1.35 25.99 3.84
N GLU A 30 -2.66 26.17 3.91
CA GLU A 30 -3.29 27.25 3.15
C GLU A 30 -2.72 28.60 3.61
N ASN A 31 -2.43 28.71 4.90
CA ASN A 31 -1.89 29.96 5.44
C ASN A 31 -0.52 30.27 4.86
N LYS A 32 0.15 29.25 4.33
CA LYS A 32 1.48 29.41 3.72
C LYS A 32 1.40 29.57 2.20
N GLY A 33 0.19 29.64 1.66
CA GLY A 33 0.01 29.82 0.22
C GLY A 33 -0.26 28.58 -0.59
N VAL A 34 -0.41 27.43 0.08
CA VAL A 34 -0.71 26.18 -0.64
C VAL A 34 -2.21 26.13 -0.93
N VAL A 35 -2.59 25.72 -2.14
CA VAL A 35 -3.99 25.59 -2.49
C VAL A 35 -4.28 24.09 -2.56
N LEU A 36 -5.27 23.69 -1.77
CA LEU A 36 -5.64 22.28 -1.62
C LEU A 36 -7.09 22.04 -1.96
N GLU A 37 -7.35 21.01 -2.75
CA GLU A 37 -8.70 20.63 -3.15
C GLU A 37 -9.10 19.30 -2.51
N LYS A 38 -10.36 19.16 -2.16
CA LYS A 38 -10.91 17.96 -1.53
C LYS A 38 -10.81 16.77 -2.45
N THR A 39 -10.84 15.58 -1.84
CA THR A 39 -10.85 14.31 -2.57
C THR A 39 -11.96 13.48 -1.91
N PHE A 40 -12.10 12.22 -2.34
CA PHE A 40 -13.14 11.36 -1.76
C PHE A 40 -12.83 10.97 -0.33
N LEU A 41 -11.58 11.20 0.10
CA LEU A 41 -11.16 10.90 1.47
C LEU A 41 -11.07 12.19 2.26
N ASP A 42 -11.58 12.17 3.48
CA ASP A 42 -11.54 13.42 4.25
C ASP A 42 -10.13 13.73 4.71
N TYR A 43 -9.18 12.80 4.54
CA TYR A 43 -7.82 13.03 4.95
C TYR A 43 -6.83 13.14 3.80
N ALA A 44 -7.30 13.25 2.55
CA ALA A 44 -6.39 13.39 1.42
C ALA A 44 -6.79 14.62 0.64
N PHE A 45 -5.79 15.33 0.14
CA PHE A 45 -6.04 16.55 -0.63
C PHE A 45 -5.18 16.57 -1.87
N GLU A 46 -5.72 17.19 -2.92
CA GLU A 46 -4.98 17.39 -4.16
C GLU A 46 -4.31 18.76 -4.01
N VAL A 47 -3.01 18.79 -4.29
CA VAL A 47 -2.26 20.04 -4.19
C VAL A 47 -2.39 20.73 -5.56
N LYS A 48 -3.11 21.84 -5.60
CA LYS A 48 -3.31 22.53 -6.86
C LYS A 48 -2.18 23.52 -7.15
N LYS A 49 -1.67 24.16 -6.11
CA LYS A 49 -0.56 25.07 -6.24
C LYS A 49 0.15 25.15 -4.92
N SER A 50 1.45 25.38 -4.98
CA SER A 50 2.27 25.48 -3.78
C SER A 50 3.47 26.31 -4.15
N PRO A 51 3.82 27.28 -3.31
CA PRO A 51 4.96 28.16 -3.58
C PRO A 51 6.28 27.50 -3.23
N PHE A 52 6.24 26.26 -2.76
CA PHE A 52 7.46 25.55 -2.40
C PHE A 52 7.30 24.04 -2.59
N SER A 53 8.40 23.30 -2.58
CA SER A 53 8.35 21.86 -2.74
C SER A 53 7.54 21.30 -1.57
N ILE A 54 6.53 20.50 -1.88
CA ILE A 54 5.67 19.94 -0.85
C ILE A 54 6.46 19.09 0.19
N GLY A 55 7.62 18.54 -0.17
CA GLY A 55 8.43 17.74 0.76
C GLY A 55 9.52 18.52 1.53
N SER A 56 9.50 19.84 1.43
CA SER A 56 10.52 20.69 2.07
C SER A 56 9.99 21.42 3.29
N THR A 57 8.75 21.20 3.66
CA THR A 57 8.12 21.94 4.74
C THR A 57 8.38 21.33 6.11
N PRO A 58 8.22 22.13 7.17
CA PRO A 58 8.40 21.55 8.50
C PRO A 58 7.23 20.55 8.72
N GLU A 59 6.08 20.82 8.10
CA GLU A 59 4.96 19.89 8.25
C GLU A 59 5.32 18.50 7.75
N TYR A 60 6.04 18.40 6.64
CA TYR A 60 6.47 17.11 6.11
C TYR A 60 7.45 16.49 7.10
N LEU A 61 8.40 17.30 7.58
CA LEU A 61 9.39 16.85 8.54
C LEU A 61 8.76 16.26 9.79
N PHE A 62 7.68 16.90 10.24
CA PHE A 62 6.97 16.49 11.44
C PHE A 62 6.03 15.30 11.22
N GLY A 63 5.96 14.82 9.99
CA GLY A 63 5.15 13.66 9.69
C GLY A 63 3.66 13.97 9.63
N TYR A 64 3.31 15.20 9.29
CA TYR A 64 1.90 15.55 9.21
C TYR A 64 1.22 15.06 7.92
N TYR A 65 2.02 14.71 6.94
CA TYR A 65 1.44 14.15 5.70
C TYR A 65 2.45 13.38 4.92
N MET A 66 1.92 12.57 4.01
CA MET A 66 2.72 11.77 3.07
C MET A 66 2.38 12.21 1.65
N PRO A 67 3.36 12.73 0.88
CA PRO A 67 3.08 13.10 -0.52
C PRO A 67 3.03 11.73 -1.25
N GLN A 68 1.95 11.48 -1.97
CA GLN A 68 1.80 10.22 -2.73
C GLN A 68 0.57 10.39 -3.61
N SER A 69 0.52 9.60 -4.68
CA SER A 69 -0.62 9.69 -5.58
C SER A 69 -1.88 9.23 -4.87
N ILE A 70 -3.04 9.70 -5.30
CA ILE A 70 -4.23 9.19 -4.67
C ILE A 70 -4.45 7.72 -5.09
N SER A 71 -3.99 7.30 -6.27
CA SER A 71 -4.11 5.86 -6.66
C SER A 71 -3.40 5.00 -5.62
N SER A 72 -2.24 5.46 -5.14
CA SER A 72 -1.47 4.67 -4.19
C SER A 72 -2.14 4.57 -2.81
N MET A 73 -3.15 5.41 -2.55
CA MET A 73 -3.91 5.34 -1.32
C MET A 73 -4.98 4.26 -1.37
N ILE A 74 -5.28 3.72 -2.56
CA ILE A 74 -6.34 2.75 -2.68
C ILE A 74 -6.04 1.35 -2.11
N PRO A 75 -4.85 0.78 -2.37
CA PRO A 75 -4.63 -0.57 -1.85
C PRO A 75 -4.84 -0.73 -0.33
N PRO A 76 -4.32 0.18 0.49
CA PRO A 76 -4.54 0.01 1.94
C PRO A 76 -6.01 0.08 2.32
N ILE A 77 -6.78 0.94 1.64
CA ILE A 77 -8.21 1.10 1.93
C ILE A 77 -8.96 -0.18 1.53
N VAL A 78 -8.59 -0.72 0.39
CA VAL A 78 -9.21 -1.95 -0.08
C VAL A 78 -8.85 -3.10 0.90
N LEU A 79 -7.61 -3.15 1.37
CA LEU A 79 -7.22 -4.21 2.32
C LEU A 79 -8.05 -4.06 3.61
N ASN A 80 -8.25 -2.83 4.05
CA ASN A 80 -9.10 -2.48 5.19
C ASN A 80 -8.75 -3.21 6.47
N PRO A 81 -7.52 -2.98 6.96
CA PRO A 81 -7.06 -3.61 8.18
C PRO A 81 -7.81 -3.21 9.44
N ARG A 82 -7.99 -4.19 10.31
CA ARG A 82 -8.61 -3.96 11.61
C ARG A 82 -7.50 -3.51 12.57
N GLU A 83 -7.88 -2.81 13.64
CA GLU A 83 -6.89 -2.33 14.59
C GLU A 83 -6.12 -3.46 15.24
N ASP A 84 -6.77 -4.63 15.40
CA ASP A 84 -6.14 -5.77 16.05
C ASP A 84 -5.57 -6.80 15.08
N ASP A 85 -5.47 -6.45 13.81
CA ASP A 85 -4.93 -7.39 12.82
C ASP A 85 -3.40 -7.52 12.91
N PHE A 86 -2.93 -8.66 12.39
CA PHE A 86 -1.52 -8.98 12.25
C PHE A 86 -1.37 -9.01 10.71
N ILE A 87 -0.61 -8.05 10.19
CA ILE A 87 -0.49 -7.81 8.74
C ILE A 87 0.89 -7.89 8.21
N LEU A 88 1.00 -8.36 6.98
CA LEU A 88 2.30 -8.42 6.29
C LEU A 88 2.29 -7.50 5.07
N ASP A 89 3.28 -6.61 4.96
CA ASP A 89 3.45 -5.73 3.76
C ASP A 89 4.73 -6.30 3.13
N MET A 90 4.55 -7.11 2.09
CA MET A 90 5.63 -7.91 1.53
C MET A 90 6.76 -7.19 0.86
N CYS A 91 6.46 -6.10 0.17
CA CYS A 91 7.46 -5.29 -0.57
C CYS A 91 7.16 -3.88 -0.13
N ALA A 92 7.67 -3.54 1.05
CA ALA A 92 7.22 -2.31 1.71
C ALA A 92 7.83 -0.99 1.38
N ALA A 93 9.10 -0.94 0.97
CA ALA A 93 9.69 0.37 0.74
C ALA A 93 8.97 1.02 -0.45
N PRO A 94 8.87 2.36 -0.46
CA PRO A 94 9.35 3.29 0.56
C PRO A 94 8.58 3.48 1.85
N GLY A 95 7.39 2.87 1.94
CA GLY A 95 6.62 2.97 3.18
C GLY A 95 5.40 3.87 3.13
N GLY A 96 5.04 4.40 1.96
CA GLY A 96 3.84 5.20 1.90
C GLY A 96 2.65 4.36 2.27
N LYS A 97 2.57 3.14 1.73
CA LYS A 97 1.42 2.30 2.04
C LYS A 97 1.52 1.71 3.43
N THR A 98 2.76 1.40 3.85
CA THR A 98 2.93 0.83 5.18
C THR A 98 2.39 1.83 6.23
N THR A 99 2.79 3.10 6.10
CA THR A 99 2.36 4.09 7.05
C THR A 99 0.86 4.37 6.93
N HIS A 100 0.30 4.23 5.73
CA HIS A 100 -1.15 4.38 5.53
C HIS A 100 -1.86 3.26 6.31
N LEU A 101 -1.38 2.03 6.18
CA LEU A 101 -1.98 0.94 6.93
C LEU A 101 -1.93 1.23 8.44
N ALA A 102 -0.80 1.75 8.92
CA ALA A 102 -0.68 2.05 10.36
C ALA A 102 -1.72 3.10 10.78
N GLN A 103 -1.92 4.12 9.94
CA GLN A 103 -2.93 5.13 10.20
C GLN A 103 -4.30 4.52 10.29
N LEU A 104 -4.62 3.62 9.35
CA LEU A 104 -5.94 2.99 9.34
C LEU A 104 -6.11 2.16 10.60
N MET A 105 -5.02 1.58 11.12
CA MET A 105 -5.07 0.76 12.33
C MET A 105 -4.92 1.58 13.60
N LYS A 106 -4.81 2.90 13.47
CA LYS A 106 -4.63 3.80 14.63
C LYS A 106 -3.43 3.37 15.47
N ASN A 107 -2.37 2.88 14.80
CA ASN A 107 -1.13 2.48 15.45
C ASN A 107 -1.30 1.28 16.37
N LYS A 108 -2.37 0.53 16.20
CA LYS A 108 -2.57 -0.69 16.99
C LYS A 108 -2.22 -1.93 16.17
N GLY A 109 -2.23 -3.12 16.77
CA GLY A 109 -1.92 -4.32 16.05
C GLY A 109 -0.45 -4.37 15.64
N THR A 110 -0.16 -5.10 14.56
CA THR A 110 1.20 -5.23 14.06
C THR A 110 1.22 -5.33 12.55
N ILE A 111 2.16 -4.58 11.97
CA ILE A 111 2.45 -4.71 10.54
C ILE A 111 3.89 -5.20 10.47
N VAL A 112 4.14 -6.26 9.72
CA VAL A 112 5.51 -6.75 9.47
C VAL A 112 5.79 -6.21 8.07
N ALA A 113 6.77 -5.31 7.94
CA ALA A 113 7.09 -4.66 6.65
C ALA A 113 8.43 -5.17 6.19
N VAL A 114 8.43 -5.85 5.04
CA VAL A 114 9.64 -6.48 4.52
C VAL A 114 10.20 -5.77 3.31
N GLU A 115 11.53 -5.65 3.29
CA GLU A 115 12.16 -4.98 2.20
C GLU A 115 13.50 -5.68 1.99
N ILE A 116 13.76 -6.05 0.75
CA ILE A 116 14.99 -6.78 0.45
C ILE A 116 16.26 -5.91 0.39
N SER A 117 16.12 -4.65 -0.03
CA SER A 117 17.27 -3.78 -0.17
C SER A 117 17.66 -3.11 1.15
N LYS A 118 18.94 -3.18 1.51
CA LYS A 118 19.41 -2.54 2.73
C LYS A 118 19.24 -1.02 2.58
N THR A 119 19.52 -0.50 1.39
CA THR A 119 19.39 0.92 1.19
C THR A 119 17.92 1.36 1.28
N ARG A 120 17.02 0.65 0.62
CA ARG A 120 15.61 1.02 0.68
C ARG A 120 15.05 0.79 2.06
N THR A 121 15.63 -0.12 2.84
CA THR A 121 15.15 -0.33 4.18
C THR A 121 15.35 0.96 5.00
N LYS A 122 16.41 1.71 4.69
CA LYS A 122 16.65 2.97 5.41
C LYS A 122 15.56 3.98 5.11
N ALA A 123 15.14 4.08 3.86
CA ALA A 123 14.06 4.99 3.46
C ALA A 123 12.75 4.57 4.14
N LEU A 124 12.54 3.25 4.22
CA LEU A 124 11.35 2.73 4.85
C LEU A 124 11.33 3.10 6.32
N LYS A 125 12.46 2.86 6.99
CA LYS A 125 12.57 3.19 8.40
C LYS A 125 12.39 4.69 8.61
N SER A 126 12.96 5.50 7.72
CA SER A 126 12.84 6.96 7.84
C SER A 126 11.38 7.38 7.80
N ASN A 127 10.62 6.84 6.84
CA ASN A 127 9.21 7.20 6.75
C ASN A 127 8.44 6.72 7.97
N ILE A 128 8.71 5.51 8.43
CA ILE A 128 7.99 5.00 9.58
C ILE A 128 8.23 5.93 10.79
N ASN A 129 9.49 6.30 11.00
CA ASN A 129 9.84 7.17 12.14
C ASN A 129 9.29 8.56 11.94
N ARG A 130 9.42 9.12 10.75
CA ARG A 130 8.91 10.48 10.49
C ARG A 130 7.40 10.52 10.74
N MET A 131 6.65 9.48 10.30
CA MET A 131 5.19 9.44 10.44
C MET A 131 4.71 9.00 11.81
N GLY A 132 5.63 8.75 12.73
CA GLY A 132 5.19 8.38 14.08
C GLY A 132 4.54 7.02 14.20
N VAL A 133 4.90 6.14 13.28
CA VAL A 133 4.33 4.78 13.26
C VAL A 133 5.01 3.90 14.30
N LEU A 134 4.19 3.29 15.15
CA LEU A 134 4.67 2.46 16.26
C LEU A 134 4.40 0.97 16.14
N ASN A 135 3.50 0.58 15.25
CA ASN A 135 3.05 -0.81 15.18
C ASN A 135 3.76 -1.64 14.14
N THR A 136 4.82 -1.13 13.54
CA THR A 136 5.46 -1.80 12.43
C THR A 136 6.82 -2.35 12.72
N ILE A 137 7.03 -3.62 12.36
CA ILE A 137 8.30 -4.28 12.55
C ILE A 137 8.93 -4.35 11.17
N ILE A 138 10.07 -3.70 10.99
CA ILE A 138 10.76 -3.67 9.70
C ILE A 138 11.73 -4.81 9.61
N ILE A 139 11.64 -5.58 8.55
CA ILE A 139 12.50 -6.74 8.33
C ILE A 139 13.22 -6.54 7.00
N ASN A 140 14.54 -6.54 7.05
CA ASN A 140 15.32 -6.42 5.83
C ASN A 140 15.64 -7.85 5.46
N ALA A 141 14.88 -8.40 4.52
CA ALA A 141 15.02 -9.77 4.09
C ALA A 141 14.38 -9.98 2.72
N ASP A 142 14.69 -11.13 2.13
CA ASP A 142 14.11 -11.57 0.85
C ASP A 142 12.89 -12.45 1.25
N MET A 143 11.68 -12.06 0.81
CA MET A 143 10.47 -12.84 1.17
C MET A 143 10.54 -14.32 0.81
N ARG A 144 11.25 -14.64 -0.27
CA ARG A 144 11.39 -16.03 -0.67
C ARG A 144 12.09 -16.88 0.39
N LYS A 145 12.93 -16.25 1.22
CA LYS A 145 13.66 -16.92 2.32
C LYS A 145 12.92 -16.70 3.65
N TYR A 146 12.50 -15.46 3.89
CA TYR A 146 11.84 -15.14 5.17
C TYR A 146 10.54 -15.92 5.34
N LYS A 147 9.85 -16.23 4.22
CA LYS A 147 8.64 -17.00 4.37
C LYS A 147 8.89 -18.38 5.01
N ASP A 148 10.08 -18.96 4.83
CA ASP A 148 10.33 -20.23 5.49
C ASP A 148 10.46 -20.06 7.03
N TYR A 149 10.97 -18.92 7.47
CA TYR A 149 11.10 -18.60 8.90
C TYR A 149 9.67 -18.41 9.47
N LEU A 150 8.81 -17.67 8.74
CA LEU A 150 7.43 -17.47 9.21
C LEU A 150 6.70 -18.81 9.25
N LEU A 151 6.79 -19.59 8.20
CA LEU A 151 6.07 -20.86 8.19
C LEU A 151 6.54 -21.83 9.27
N LYS A 152 7.84 -21.97 9.44
CA LYS A 152 8.33 -22.95 10.42
C LYS A 152 7.94 -22.53 11.84
N ASN A 153 7.76 -21.22 12.08
CA ASN A 153 7.38 -20.72 13.40
C ASN A 153 5.87 -20.51 13.53
N GLU A 154 5.14 -20.92 12.49
CA GLU A 154 3.69 -20.82 12.47
C GLU A 154 3.18 -19.41 12.63
N ILE A 155 3.84 -18.49 11.95
CA ILE A 155 3.46 -17.10 12.00
C ILE A 155 2.63 -16.77 10.75
N PHE A 156 1.32 -16.77 10.93
CA PHE A 156 0.37 -16.51 9.85
C PHE A 156 -0.29 -15.16 10.03
N PHE A 157 -0.82 -14.61 8.93
CA PHE A 157 -1.36 -13.26 8.94
C PHE A 157 -2.84 -13.17 8.67
N ASP A 158 -3.48 -12.17 9.28
CA ASP A 158 -4.87 -11.91 9.02
C ASP A 158 -5.06 -11.31 7.62
N LYS A 159 -4.16 -10.40 7.24
CA LYS A 159 -4.20 -9.73 5.94
C LYS A 159 -2.80 -9.50 5.46
N ILE A 160 -2.64 -9.45 4.13
CA ILE A 160 -1.33 -9.24 3.49
C ILE A 160 -1.49 -8.29 2.34
N LEU A 161 -0.55 -7.33 2.24
CA LEU A 161 -0.48 -6.44 1.09
C LEU A 161 0.73 -6.86 0.26
N LEU A 162 0.51 -7.18 -1.00
CA LEU A 162 1.60 -7.46 -1.96
C LEU A 162 1.44 -6.34 -2.98
N ASP A 163 2.13 -5.24 -2.72
CA ASP A 163 2.13 -4.08 -3.61
C ASP A 163 3.49 -4.05 -4.24
N ALA A 164 3.53 -4.40 -5.53
CA ALA A 164 4.77 -4.57 -6.28
C ALA A 164 5.16 -3.27 -6.96
N PRO A 165 6.43 -2.86 -6.83
CA PRO A 165 6.91 -1.62 -7.45
C PRO A 165 6.94 -1.73 -8.98
N CYS A 166 6.99 -0.59 -9.68
CA CYS A 166 7.02 -0.55 -11.15
C CYS A 166 8.12 0.45 -11.56
N SER A 179 21.94 -10.11 -6.05
CA SER A 179 22.02 -9.68 -7.44
C SER A 179 21.08 -8.52 -7.71
N GLU A 180 21.29 -7.85 -8.86
CA GLU A 180 20.42 -6.75 -9.25
C GLU A 180 19.01 -7.31 -9.37
N GLU A 181 18.91 -8.54 -9.86
CA GLU A 181 17.59 -9.14 -10.02
C GLU A 181 16.92 -9.38 -8.70
N ASP A 182 17.69 -9.70 -7.67
CA ASP A 182 17.12 -9.90 -6.34
C ASP A 182 16.59 -8.55 -5.85
N ILE A 183 17.37 -7.49 -6.03
CA ILE A 183 16.94 -6.16 -5.60
C ILE A 183 15.58 -5.80 -6.22
N LYS A 184 15.38 -6.13 -7.50
CA LYS A 184 14.13 -5.82 -8.20
C LYS A 184 13.15 -6.99 -8.17
N TYR A 185 13.36 -7.95 -7.26
CA TYR A 185 12.55 -9.16 -7.29
C TYR A 185 11.06 -8.96 -7.18
N CYS A 186 10.62 -7.93 -6.48
CA CYS A 186 9.19 -7.78 -6.34
C CYS A 186 8.56 -7.27 -7.61
N SER A 187 9.36 -6.74 -8.54
CA SER A 187 8.81 -6.31 -9.84
C SER A 187 8.90 -7.43 -10.86
N LEU A 188 9.46 -8.58 -10.45
CA LEU A 188 9.63 -9.73 -11.36
C LEU A 188 8.98 -11.00 -10.87
N ARG A 189 8.88 -11.18 -9.56
CA ARG A 189 8.42 -12.46 -8.99
C ARG A 189 7.03 -12.38 -8.40
N GLN A 190 6.21 -11.51 -9.01
CA GLN A 190 4.85 -11.33 -8.47
C GLN A 190 4.04 -12.64 -8.37
N LYS A 191 4.19 -13.53 -9.36
CA LYS A 191 3.44 -14.79 -9.30
C LYS A 191 3.93 -15.67 -8.14
N GLU A 192 5.25 -15.80 -8.04
CA GLU A 192 5.82 -16.57 -6.96
C GLU A 192 5.46 -15.96 -5.59
N LEU A 193 5.52 -14.64 -5.52
CA LEU A 193 5.24 -13.96 -4.26
C LEU A 193 3.77 -14.02 -3.86
N ILE A 194 2.84 -13.99 -4.83
CA ILE A 194 1.41 -14.03 -4.44
C ILE A 194 1.08 -15.42 -3.90
N ASP A 195 1.76 -16.43 -4.42
CA ASP A 195 1.57 -17.79 -3.93
C ASP A 195 2.15 -17.90 -2.50
N ILE A 196 3.32 -17.33 -2.28
CA ILE A 196 3.87 -17.28 -0.92
C ILE A 196 2.87 -16.55 -0.01
N GLY A 197 2.31 -15.43 -0.49
CA GLY A 197 1.32 -14.70 0.28
C GLY A 197 0.15 -15.56 0.73
N ILE A 198 -0.41 -16.38 -0.17
CA ILE A 198 -1.54 -17.20 0.24
C ILE A 198 -1.05 -18.24 1.25
N ASP A 199 0.16 -18.79 1.08
CA ASP A 199 0.68 -19.73 2.08
C ASP A 199 0.76 -19.10 3.48
N LEU A 200 1.03 -17.78 3.55
CA LEU A 200 1.18 -17.09 4.83
C LEU A 200 -0.11 -16.59 5.46
N LEU A 201 -1.24 -16.73 4.77
CA LEU A 201 -2.52 -16.30 5.29
C LEU A 201 -3.18 -17.33 6.16
N LYS A 202 -3.85 -16.85 7.19
CA LYS A 202 -4.70 -17.71 8.00
C LYS A 202 -5.89 -18.01 7.07
N LYS A 203 -6.54 -19.16 7.29
CA LYS A 203 -7.77 -19.45 6.56
C LYS A 203 -8.73 -18.29 6.85
N ASP A 204 -9.45 -17.82 5.84
CA ASP A 204 -10.34 -16.67 5.92
C ASP A 204 -9.57 -15.34 5.82
N GLY A 205 -8.24 -15.40 5.79
CA GLY A 205 -7.41 -14.21 5.62
C GLY A 205 -7.58 -13.61 4.23
N GLU A 206 -7.09 -12.38 4.06
CA GLU A 206 -7.26 -11.66 2.80
C GLU A 206 -5.95 -11.10 2.33
N LEU A 207 -5.74 -11.09 1.02
CA LEU A 207 -4.54 -10.50 0.44
C LEU A 207 -4.97 -9.53 -0.65
N VAL A 208 -4.33 -8.36 -0.67
CA VAL A 208 -4.53 -7.40 -1.75
C VAL A 208 -3.25 -7.40 -2.56
N TYR A 209 -3.41 -7.52 -3.87
CA TYR A 209 -2.30 -7.42 -4.82
C TYR A 209 -2.49 -6.11 -5.53
N SER A 210 -1.45 -5.29 -5.59
CA SER A 210 -1.55 -4.03 -6.31
C SER A 210 -0.21 -3.71 -6.96
N THR A 211 -0.28 -2.92 -8.02
CA THR A 211 0.96 -2.48 -8.64
C THR A 211 0.69 -1.32 -9.58
N CYS A 212 1.66 -0.42 -9.70
CA CYS A 212 1.57 0.68 -10.66
C CYS A 212 2.03 0.18 -12.05
N SER A 213 2.55 -1.04 -12.15
CA SER A 213 2.90 -1.60 -13.46
C SER A 213 1.65 -1.96 -14.26
N MET A 214 1.71 -1.76 -15.56
CA MET A 214 0.62 -2.15 -16.46
C MET A 214 1.12 -3.27 -17.38
N GLU A 215 2.25 -3.90 -17.05
CA GLU A 215 2.78 -4.97 -17.92
C GLU A 215 1.83 -6.14 -18.06
N VAL A 216 1.85 -6.78 -19.24
CA VAL A 216 0.89 -7.85 -19.52
C VAL A 216 0.89 -9.08 -18.64
N GLU A 217 2.01 -9.40 -18.03
CA GLU A 217 2.03 -10.56 -17.12
C GLU A 217 2.11 -10.08 -15.66
N GLU A 218 1.73 -8.83 -15.38
CA GLU A 218 1.83 -8.28 -14.00
C GLU A 218 0.53 -7.73 -13.39
N ASN A 219 -0.61 -7.85 -14.09
CA ASN A 219 -1.90 -7.37 -13.56
C ASN A 219 -2.85 -8.59 -13.50
N GLU A 220 -3.87 -8.64 -14.35
CA GLU A 220 -4.85 -9.74 -14.32
C GLU A 220 -4.22 -11.12 -14.40
N GLU A 221 -3.12 -11.24 -15.15
CA GLU A 221 -2.49 -12.58 -15.31
C GLU A 221 -1.88 -13.11 -14.01
N VAL A 222 -1.51 -12.23 -13.09
CA VAL A 222 -1.05 -12.70 -11.78
C VAL A 222 -2.21 -13.32 -11.00
N ILE A 223 -3.37 -12.69 -11.13
CA ILE A 223 -4.57 -13.18 -10.45
C ILE A 223 -5.05 -14.49 -11.10
N LYS A 224 -5.10 -14.51 -12.44
CA LYS A 224 -5.46 -15.78 -13.13
C LYS A 224 -4.51 -16.88 -12.74
N TYR A 225 -3.22 -16.57 -12.62
CA TYR A 225 -2.23 -17.57 -12.20
C TYR A 225 -2.59 -18.17 -10.85
N ILE A 226 -2.87 -17.33 -9.86
CA ILE A 226 -3.07 -17.87 -8.54
C ILE A 226 -4.41 -18.59 -8.39
N LEU A 227 -5.47 -18.10 -9.03
CA LEU A 227 -6.76 -18.77 -8.97
C LEU A 227 -6.68 -20.16 -9.62
N GLN A 228 -5.92 -20.28 -10.71
CA GLN A 228 -5.74 -21.57 -11.36
C GLN A 228 -4.82 -22.46 -10.54
N LYS A 229 -3.81 -21.89 -9.92
CA LYS A 229 -2.85 -22.70 -9.20
C LYS A 229 -3.32 -23.34 -7.92
N ARG A 230 -4.19 -22.63 -7.22
CA ARG A 230 -4.62 -23.04 -5.87
C ARG A 230 -6.10 -23.27 -5.73
N ASN A 231 -6.46 -24.27 -4.94
CA ASN A 231 -7.86 -24.57 -4.69
C ASN A 231 -8.34 -24.04 -3.34
N ASP A 232 -7.55 -23.15 -2.74
CA ASP A 232 -7.87 -22.58 -1.43
C ASP A 232 -7.89 -21.06 -1.48
N VAL A 233 -8.22 -20.51 -2.64
CA VAL A 233 -8.29 -19.07 -2.76
C VAL A 233 -9.44 -18.65 -3.68
N GLU A 234 -10.06 -17.51 -3.41
CA GLU A 234 -11.11 -17.01 -4.30
C GLU A 234 -10.97 -15.51 -4.35
N LEU A 235 -11.51 -14.93 -5.40
CA LEU A 235 -11.48 -13.50 -5.60
C LEU A 235 -12.54 -12.81 -4.75
N ILE A 236 -12.22 -11.66 -4.21
CA ILE A 236 -13.19 -10.82 -3.51
C ILE A 236 -13.47 -9.68 -4.50
N ILE A 237 -14.74 -9.45 -4.83
CA ILE A 237 -15.11 -8.37 -5.77
C ILE A 237 -14.88 -7.01 -5.10
N ILE A 238 -14.09 -6.16 -5.74
CA ILE A 238 -13.88 -4.80 -5.26
C ILE A 238 -14.75 -3.93 -6.15
N LYS A 239 -15.51 -3.02 -5.55
CA LYS A 239 -16.37 -2.10 -6.30
C LYS A 239 -15.72 -0.72 -6.44
N ALA A 240 -15.82 -0.14 -7.62
CA ALA A 240 -15.21 1.16 -7.88
C ALA A 240 -15.99 2.34 -7.29
N ASN A 241 -17.26 2.10 -6.96
CA ASN A 241 -18.16 3.16 -6.47
C ASN A 241 -17.69 4.17 -5.41
N GLU A 242 -16.97 3.74 -4.38
CA GLU A 242 -16.56 4.69 -3.35
C GLU A 242 -15.44 5.66 -3.73
N PHE A 243 -14.71 5.30 -4.78
CA PHE A 243 -13.55 6.06 -5.20
C PHE A 243 -13.94 7.21 -6.11
N LYS A 244 -14.78 8.08 -5.57
CA LYS A 244 -15.27 9.23 -6.31
C LYS A 244 -14.13 10.14 -6.77
N GLY A 245 -14.26 10.67 -7.98
CA GLY A 245 -13.27 11.59 -8.54
C GLY A 245 -12.00 10.96 -9.06
N ILE A 246 -11.91 9.63 -8.98
CA ILE A 246 -10.75 8.91 -9.49
C ILE A 246 -11.17 8.18 -10.77
N ASN A 247 -10.29 8.18 -11.77
CA ASN A 247 -10.64 7.53 -13.03
C ASN A 247 -10.35 6.03 -12.89
N ILE A 248 -11.31 5.31 -12.34
CA ILE A 248 -11.11 3.90 -11.99
C ILE A 248 -12.29 3.06 -12.44
N LYS A 249 -11.99 1.87 -12.96
CA LYS A 249 -13.05 0.99 -13.43
C LYS A 249 -12.50 -0.42 -13.41
N GLU A 250 -13.24 -1.38 -13.92
CA GLU A 250 -12.79 -2.77 -13.83
C GLU A 250 -11.69 -3.18 -14.78
N GLY A 251 -10.92 -4.18 -14.33
CA GLY A 251 -9.92 -4.80 -15.19
C GLY A 251 -10.70 -5.82 -16.04
N TYR A 252 -10.00 -6.70 -16.76
CA TYR A 252 -10.68 -7.70 -17.56
C TYR A 252 -11.06 -8.96 -16.77
N ILE A 253 -10.83 -8.92 -15.47
CA ILE A 253 -11.35 -9.93 -14.54
C ILE A 253 -12.35 -9.11 -13.71
N LYS A 254 -13.62 -9.54 -13.70
CA LYS A 254 -14.62 -8.85 -12.93
C LYS A 254 -14.21 -8.74 -11.46
N GLY A 255 -14.40 -7.58 -10.87
CA GLY A 255 -14.04 -7.45 -9.47
C GLY A 255 -12.62 -6.91 -9.18
N THR A 256 -11.80 -6.81 -10.23
CA THR A 256 -10.48 -6.22 -10.10
C THR A 256 -10.61 -4.79 -10.63
N LEU A 257 -9.73 -3.89 -10.20
CA LEU A 257 -9.80 -2.48 -10.61
C LEU A 257 -8.53 -1.98 -11.25
N ARG A 258 -8.68 -1.07 -12.21
CA ARG A 258 -7.56 -0.42 -12.84
C ARG A 258 -7.85 1.07 -12.82
N VAL A 259 -6.82 1.83 -12.47
CA VAL A 259 -6.88 3.30 -12.42
C VAL A 259 -6.18 3.80 -13.67
N PHE A 260 -6.75 4.86 -14.27
CA PHE A 260 -6.24 5.42 -15.50
C PHE A 260 -5.90 6.90 -15.39
N PRO A 261 -5.11 7.41 -16.34
CA PRO A 261 -4.77 8.84 -16.34
C PRO A 261 -6.06 9.65 -16.28
N PRO A 262 -6.04 10.86 -15.71
CA PRO A 262 -4.90 11.56 -15.13
C PRO A 262 -4.36 11.08 -13.80
N ASN A 263 -5.04 10.13 -13.17
CA ASN A 263 -4.52 9.53 -11.94
C ASN A 263 -3.35 8.59 -12.29
N GLU A 264 -2.57 8.21 -11.29
CA GLU A 264 -1.45 7.29 -11.52
C GLU A 264 -1.99 5.92 -11.91
N PRO A 265 -1.53 5.33 -13.02
CA PRO A 265 -2.01 4.00 -13.41
C PRO A 265 -1.74 3.02 -12.28
N PHE A 266 -2.72 2.15 -12.05
CA PHE A 266 -2.63 1.18 -10.95
C PHE A 266 -3.61 0.06 -11.19
N PHE A 267 -3.24 -1.11 -10.70
CA PHE A 267 -4.08 -2.30 -10.79
C PHE A 267 -4.25 -2.80 -9.35
N ILE A 268 -5.49 -3.18 -8.97
CA ILE A 268 -5.73 -3.67 -7.60
C ILE A 268 -6.68 -4.84 -7.64
N ALA A 269 -6.35 -5.88 -6.90
CA ALA A 269 -7.19 -7.08 -6.78
C ALA A 269 -7.16 -7.55 -5.33
N LYS A 270 -8.18 -8.30 -4.93
CA LYS A 270 -8.27 -8.77 -3.53
C LYS A 270 -8.71 -10.23 -3.58
N LEU A 271 -8.09 -11.03 -2.71
CA LEU A 271 -8.28 -12.48 -2.62
C LEU A 271 -8.54 -12.87 -1.19
N ARG A 272 -9.21 -14.01 -1.04
CA ARG A 272 -9.50 -14.58 0.29
C ARG A 272 -9.05 -16.03 0.30
N LYS A 273 -8.43 -16.46 1.39
CA LYS A 273 -8.05 -17.87 1.54
C LYS A 273 -9.29 -18.60 2.07
N ILE A 274 -9.63 -19.71 1.41
CA ILE A 274 -10.82 -20.49 1.78
C ILE A 274 -10.47 -21.95 2.04
C1 GOL B . 13.45 -17.50 -7.69
O1 GOL B . 12.59 -16.39 -7.37
C2 GOL B . 12.92 -18.80 -7.09
O2 GOL B . 12.71 -18.64 -5.68
C3 GOL B . 13.94 -19.90 -7.32
O3 GOL B . 13.31 -21.13 -6.92
C1 IPA C . -9.73 -3.78 -19.04
C2 IPA C . -9.57 -2.29 -18.69
C3 IPA C . -10.89 -1.53 -18.91
O2 IPA C . -9.24 -2.19 -17.29
#